data_1SC8
#
_entry.id   1SC8
#
_cell.length_a   53.120
_cell.length_b   55.090
_cell.length_c   82.090
_cell.angle_alpha   90.00
_cell.angle_beta   90.00
_cell.angle_gamma   90.00
#
_symmetry.space_group_name_H-M   'P 21 21 21'
#
loop_
_entity.id
_entity.type
_entity.pdbx_description
1 polymer 'plasminogen activator, urokinase'
2 non-polymer 'SULFATE ION'
3 non-polymer N-(BENZYLSULFONYL)SERYL-N~1~-{4-[AMINO(IMINO)METHYL]BENZYL}GLYCINAMIDE
4 water water
#
_entity_poly.entity_id   1
_entity_poly.type   'polypeptide(L)'
_entity_poly.pdbx_seq_one_letter_code
;LKFQCGQKTLRPRFKIIGGEFTTIENQPWFAAIYRRHRGGSVTYVCGGSLISPCWVISATHCFIDYPKKEDYIVYLGRSR
LNSNTQGEMKFEVENLILHKDYSADTLAHHNDIALLKIRSKEGRCAQPSRTIQTISLPSMYNDPQFGTSCEITGFGKENS
TDYLYPEQLKMTVVKLISHRECQQPHYYGSEVTTKMLCAADPQWKTDSCQGDSGGPLVCSLQGRMTLTGIVSWGRGCALK
DKPGVYTRVSHFLPWIRSHTKE
;
_entity_poly.pdbx_strand_id   U
#
loop_
_chem_comp.id
_chem_comp.type
_chem_comp.name
_chem_comp.formula
2IN non-polymer N-(BENZYLSULFONYL)SERYL-N~1~-{4-[AMINO(IMINO)METHYL]BENZYL}GLYCINAMIDE 'C20 H25 N5 O5 S'
SO4 non-polymer 'SULFATE ION' 'O4 S -2'
#
# COMPACT_ATOMS: atom_id res chain seq x y z
N ILE A 16 -4.78 9.18 -4.91
CA ILE A 16 -6.08 8.63 -5.39
C ILE A 16 -6.79 9.60 -6.34
N ILE A 17 -7.03 9.14 -7.57
CA ILE A 17 -7.74 9.94 -8.56
C ILE A 17 -9.21 9.72 -8.24
N GLY A 18 -9.97 10.81 -8.11
CA GLY A 18 -11.38 10.68 -7.79
C GLY A 18 -11.57 10.08 -6.41
N GLY A 19 -12.67 9.38 -6.20
CA GLY A 19 -12.91 8.79 -4.90
C GLY A 19 -13.39 9.83 -3.92
N GLU A 20 -13.24 9.55 -2.63
CA GLU A 20 -13.69 10.48 -1.59
C GLU A 20 -12.66 10.69 -0.50
N PHE A 21 -12.81 11.79 0.23
CA PHE A 21 -11.93 12.08 1.34
C PHE A 21 -12.51 11.29 2.49
N THR A 22 -11.62 10.74 3.33
CA THR A 22 -12.03 9.93 4.45
C THR A 22 -11.10 10.27 5.62
N THR A 23 -11.32 9.64 6.76
CA THR A 23 -10.48 9.87 7.92
C THR A 23 -9.86 8.55 8.34
N ILE A 24 -8.84 8.61 9.19
CA ILE A 24 -8.15 7.41 9.64
C ILE A 24 -9.08 6.44 10.37
N GLU A 25 -10.19 6.95 10.89
CA GLU A 25 -11.15 6.11 11.60
C GLU A 25 -11.71 5.03 10.69
N ASN A 26 -11.85 5.35 9.41
CA ASN A 26 -12.38 4.40 8.43
C ASN A 26 -11.31 3.49 7.84
N GLN A 27 -10.04 3.82 8.07
CA GLN A 27 -8.92 3.02 7.55
C GLN A 27 -7.89 2.86 8.68
N PRO A 28 -8.31 2.33 9.83
CA PRO A 28 -7.46 2.13 11.02
C PRO A 28 -6.14 1.38 10.88
N TRP A 29 -5.96 0.63 9.79
CA TRP A 29 -4.75 -0.13 9.59
C TRP A 29 -3.74 0.59 8.70
N PHE A 30 -4.14 1.74 8.15
CA PHE A 30 -3.27 2.49 7.25
C PHE A 30 -2.09 3.19 7.93
N ALA A 31 -0.90 2.93 7.41
CA ALA A 31 0.33 3.51 7.96
C ALA A 31 0.96 4.54 7.02
N ALA A 32 1.29 5.70 7.56
CA ALA A 32 1.91 6.76 6.76
C ALA A 32 3.43 6.72 6.99
N ILE A 33 4.18 6.57 5.90
CA ILE A 33 5.64 6.49 6.00
C ILE A 33 6.34 7.72 5.44
N TYR A 34 7.21 8.31 6.26
CA TYR A 34 7.96 9.51 5.89
C TYR A 34 9.45 9.27 5.96
N ARG A 35 10.21 10.15 5.32
CA ARG A 35 11.67 10.06 5.33
C ARG A 35 12.28 11.39 5.77
N ARG A 36 13.21 11.32 6.72
CA ARG A 36 13.90 12.50 7.21
C ARG A 36 14.98 12.89 6.21
N HIS A 37 15.26 14.19 6.12
CA HIS A 37 16.30 14.68 5.22
C HIS A 37 17.34 15.47 6.01
N ARG A 38 18.46 15.78 5.39
CA ARG A 38 19.49 16.57 6.06
C ARG A 38 18.89 17.95 6.27
N GLY A 39 18.94 18.44 7.51
CA GLY A 39 18.40 19.75 7.80
C GLY A 39 17.17 19.67 8.70
N GLY A 40 16.32 18.68 8.47
CA GLY A 40 15.14 18.53 9.30
C GLY A 40 13.82 18.43 8.55
N SER A 41 13.86 18.50 7.23
CA SER A 41 12.64 18.43 6.43
C SER A 41 12.23 16.97 6.21
N VAL A 42 11.01 16.66 6.62
CA VAL A 42 10.47 15.32 6.48
C VAL A 42 9.46 15.26 5.34
N THR A 43 9.67 14.34 4.40
CA THR A 43 8.74 14.22 3.28
C THR A 43 8.04 12.87 3.27
N TYR A 44 6.83 12.84 2.72
CA TYR A 44 6.04 11.60 2.65
C TYR A 44 6.66 10.67 1.62
N VAL A 45 6.67 9.37 1.93
CA VAL A 45 7.25 8.40 1.00
C VAL A 45 6.22 7.44 0.44
N CYS A 46 5.59 6.66 1.31
CA CYS A 46 4.61 5.68 0.85
C CYS A 46 3.62 5.27 1.92
N GLY A 47 2.59 4.55 1.47
CA GLY A 47 1.59 4.03 2.37
C GLY A 47 2.06 2.69 2.89
N GLY A 48 1.32 2.15 3.84
CA GLY A 48 1.65 0.87 4.42
C GLY A 48 0.41 0.34 5.12
N SER A 49 0.53 -0.86 5.69
CA SER A 49 -0.58 -1.49 6.40
C SER A 49 -0.06 -2.20 7.64
N LEU A 50 -0.73 -1.97 8.77
CA LEU A 50 -0.37 -2.62 10.01
C LEU A 50 -0.96 -4.03 10.01
N ILE A 51 -0.10 -5.04 9.94
CA ILE A 51 -0.57 -6.43 9.92
C ILE A 51 -0.41 -7.10 11.29
N SER A 52 0.32 -6.45 12.19
CA SER A 52 0.53 -6.95 13.53
C SER A 52 1.06 -5.77 14.35
N PRO A 53 0.94 -5.83 15.69
CA PRO A 53 1.42 -4.74 16.55
C PRO A 53 2.81 -4.19 16.20
N CYS A 54 3.73 -5.06 15.84
CA CYS A 54 5.10 -4.62 15.53
C CYS A 54 5.49 -4.59 14.04
N TRP A 55 4.55 -4.92 13.15
CA TRP A 55 4.88 -4.94 11.73
C TRP A 55 3.97 -4.21 10.76
N VAL A 56 4.60 -3.53 9.82
CA VAL A 56 3.88 -2.81 8.77
C VAL A 56 4.35 -3.41 7.45
N ILE A 57 3.43 -3.67 6.54
CA ILE A 57 3.82 -4.21 5.26
C ILE A 57 3.66 -3.10 4.24
N SER A 58 4.59 -3.03 3.29
CA SER A 58 4.55 -1.98 2.26
C SER A 58 5.13 -2.50 0.96
N ALA A 59 5.68 -1.60 0.16
CA ALA A 59 6.29 -1.97 -1.11
C ALA A 59 7.79 -1.70 -1.09
N THR A 60 8.57 -2.64 -1.61
CA THR A 60 10.02 -2.50 -1.65
C THR A 60 10.52 -1.32 -2.51
N HIS A 61 9.87 -1.04 -3.64
CA HIS A 61 10.34 0.04 -4.48
C HIS A 61 10.31 1.42 -3.83
N CYS A 62 9.67 1.52 -2.67
CA CYS A 62 9.58 2.77 -1.94
C CYS A 62 10.89 3.08 -1.19
N PHE A 63 11.65 2.05 -0.89
CA PHE A 63 12.88 2.20 -0.12
C PHE A 63 14.17 1.76 -0.80
N ILE A 64 14.04 1.04 -1.92
CA ILE A 64 15.20 0.49 -2.62
C ILE A 64 16.35 1.47 -2.88
N ASP A 65 16.05 2.75 -3.05
CA ASP A 65 17.12 3.73 -3.30
C ASP A 65 17.74 4.30 -2.02
N TYR A 66 17.09 4.09 -0.88
CA TYR A 66 17.60 4.57 0.41
C TYR A 66 17.31 3.52 1.50
N PRO A 67 18.06 2.40 1.48
CA PRO A 67 17.92 1.29 2.42
C PRO A 67 18.20 1.61 3.90
N LYS A 68 18.54 2.85 4.21
CA LYS A 68 18.84 3.24 5.59
C LYS A 68 17.57 3.35 6.43
N LYS A 69 17.39 2.41 7.37
CA LYS A 69 16.21 2.38 8.24
C LYS A 69 16.09 3.59 9.17
N GLU A 70 17.23 4.14 9.57
CA GLU A 70 17.27 5.28 10.47
C GLU A 70 16.63 6.55 9.91
N ASP A 71 16.38 6.61 8.61
CA ASP A 71 15.79 7.82 8.03
C ASP A 71 14.29 7.78 7.82
N TYR A 72 13.65 6.70 8.24
CA TYR A 72 12.22 6.60 8.06
C TYR A 72 11.44 6.80 9.35
N ILE A 73 10.22 7.28 9.19
CA ILE A 73 9.31 7.52 10.29
C ILE A 73 7.95 6.97 9.88
N VAL A 74 7.34 6.18 10.76
CA VAL A 74 6.03 5.59 10.47
C VAL A 74 4.97 6.19 11.38
N TYR A 75 3.84 6.56 10.80
CA TYR A 75 2.74 7.13 11.56
C TYR A 75 1.50 6.26 11.48
N LEU A 76 0.88 6.02 12.63
CA LEU A 76 -0.35 5.24 12.67
C LEU A 76 -1.37 6.19 13.29
N GLY A 77 -2.63 6.03 12.92
CA GLY A 77 -3.68 6.89 13.46
C GLY A 77 -3.57 8.31 12.96
N ARG A 78 -3.09 8.48 11.73
CA ARG A 78 -2.91 9.80 11.13
C ARG A 78 -3.81 9.98 9.91
N SER A 79 -4.60 11.06 9.90
CA SER A 79 -5.52 11.36 8.79
C SER A 79 -5.01 12.41 7.81
N ARG A 80 -4.05 13.22 8.25
CA ARG A 80 -3.52 14.29 7.41
C ARG A 80 -2.04 14.17 7.12
N LEU A 81 -1.66 14.64 5.94
CA LEU A 81 -0.29 14.58 5.48
C LEU A 81 0.71 15.40 6.29
N ASN A 82 0.47 16.70 6.42
CA ASN A 82 1.40 17.57 7.13
C ASN A 82 0.96 18.20 8.44
N SER A 83 0.00 17.56 9.12
CA SER A 83 -0.45 18.07 10.41
C SER A 83 -0.76 16.85 11.29
N ASN A 84 -0.81 17.06 12.59
CA ASN A 84 -1.07 15.98 13.54
C ASN A 84 -2.56 15.65 13.68
N THR A 85 -2.83 14.45 14.19
CA THR A 85 -4.18 13.98 14.42
C THR A 85 -4.19 13.44 15.84
N GLN A 86 -5.25 13.73 16.58
CA GLN A 86 -5.34 13.24 17.96
C GLN A 86 -5.35 11.72 17.96
N GLY A 87 -4.53 11.14 18.83
CA GLY A 87 -4.45 9.69 18.93
C GLY A 87 -3.33 9.07 18.13
N GLU A 88 -2.78 9.80 17.15
CA GLU A 88 -1.70 9.27 16.33
C GLU A 88 -0.51 8.82 17.17
N MET A 89 0.31 7.97 16.56
CA MET A 89 1.51 7.45 17.21
C MET A 89 2.67 7.48 16.23
N LYS A 90 3.84 7.88 16.71
CA LYS A 90 5.06 7.98 15.91
C LYS A 90 5.96 6.77 16.19
N PHE A 91 6.55 6.21 15.14
CA PHE A 91 7.41 5.03 15.27
C PHE A 91 8.69 5.12 14.48
N GLU A 92 9.73 4.45 14.97
CA GLU A 92 11.02 4.37 14.32
C GLU A 92 10.99 3.01 13.65
N VAL A 93 11.85 2.80 12.66
CA VAL A 93 11.91 1.50 11.99
C VAL A 93 13.07 0.71 12.58
N GLU A 94 12.72 -0.36 13.28
CA GLU A 94 13.74 -1.21 13.92
C GLU A 94 14.43 -2.07 12.87
N ASN A 95 13.68 -2.44 11.84
CA ASN A 95 14.23 -3.29 10.80
C ASN A 95 13.45 -3.11 9.49
N LEU A 96 14.18 -2.89 8.40
CA LEU A 96 13.58 -2.70 7.09
C LEU A 96 13.89 -3.93 6.24
N ILE A 97 12.87 -4.71 5.94
CA ILE A 97 13.04 -5.92 5.14
C ILE A 97 12.57 -5.75 3.69
N LEU A 98 13.52 -5.70 2.77
CA LEU A 98 13.22 -5.57 1.35
C LEU A 98 13.28 -6.96 0.73
N HIS A 99 12.51 -7.19 -0.32
CA HIS A 99 12.54 -8.50 -0.97
C HIS A 99 13.83 -8.58 -1.82
N LYS A 100 14.50 -9.72 -1.79
CA LYS A 100 15.75 -9.86 -2.54
C LYS A 100 15.61 -10.07 -4.05
N ASP A 101 14.45 -10.51 -4.50
CA ASP A 101 14.26 -10.72 -5.93
C ASP A 101 13.50 -9.57 -6.57
N TYR A 102 13.52 -8.41 -5.92
CA TYR A 102 12.83 -7.25 -6.46
C TYR A 102 13.55 -6.76 -7.72
N SER A 103 12.77 -6.39 -8.73
CA SER A 103 13.33 -5.87 -9.96
C SER A 103 12.26 -5.08 -10.69
N ALA A 104 12.68 -4.07 -11.44
CA ALA A 104 11.74 -3.25 -12.20
C ALA A 104 12.09 -3.31 -13.68
N ASP A 105 11.11 -3.68 -14.49
CA ASP A 105 11.28 -3.75 -15.93
C ASP A 105 10.70 -2.48 -16.54
N THR A 106 10.36 -2.55 -17.83
CA THR A 106 9.78 -1.40 -18.52
C THR A 106 8.63 -0.81 -17.71
N LEU A 107 7.72 -1.67 -17.28
CA LEU A 107 6.56 -1.22 -16.49
C LEU A 107 6.42 -2.01 -15.21
N ALA A 108 6.47 -3.34 -15.32
CA ALA A 108 6.31 -4.21 -14.19
C ALA A 108 7.37 -4.11 -13.10
N HIS A 109 6.92 -4.19 -11.86
CA HIS A 109 7.77 -4.16 -10.68
C HIS A 109 7.51 -5.53 -10.09
N HIS A 110 8.55 -6.34 -10.00
CA HIS A 110 8.41 -7.71 -9.48
C HIS A 110 8.74 -7.80 -7.99
N ASN A 111 7.96 -8.61 -7.27
CA ASN A 111 8.16 -8.83 -5.84
C ASN A 111 8.25 -7.50 -5.08
N ASP A 112 7.33 -6.61 -5.42
CA ASP A 112 7.27 -5.29 -4.80
C ASP A 112 6.56 -5.42 -3.46
N ILE A 113 7.29 -5.86 -2.45
CA ILE A 113 6.70 -6.06 -1.13
C ILE A 113 7.79 -5.85 -0.09
N ALA A 114 7.43 -5.27 1.05
CA ALA A 114 8.41 -5.00 2.09
C ALA A 114 7.82 -4.98 3.50
N LEU A 115 8.65 -5.33 4.47
CA LEU A 115 8.24 -5.35 5.86
C LEU A 115 9.03 -4.36 6.70
N LEU A 116 8.32 -3.59 7.51
CA LEU A 116 8.94 -2.60 8.38
C LEU A 116 8.58 -2.91 9.82
N LYS A 117 9.56 -3.31 10.62
CA LYS A 117 9.29 -3.59 12.02
C LYS A 117 9.36 -2.26 12.74
N ILE A 118 8.34 -1.96 13.54
CA ILE A 118 8.29 -0.68 14.21
C ILE A 118 8.40 -0.72 15.72
N ARG A 119 8.82 0.41 16.29
CA ARG A 119 8.93 0.55 17.74
C ARG A 119 8.98 2.02 18.09
N SER A 120 8.25 2.40 19.14
CA SER A 120 8.23 3.78 19.60
C SER A 120 9.54 4.06 20.31
N LYS A 121 9.76 5.31 20.70
CA LYS A 121 10.98 5.69 21.40
C LYS A 121 11.11 4.97 22.74
N GLU A 122 10.00 4.52 23.28
CA GLU A 122 10.02 3.80 24.56
C GLU A 122 10.26 2.30 24.31
N GLY A 123 10.39 1.92 23.04
CA GLY A 123 10.62 0.55 22.68
C GLY A 123 9.37 -0.33 22.59
N ARG A 124 8.20 0.28 22.42
CA ARG A 124 6.95 -0.47 22.33
C ARG A 124 6.40 -0.49 20.91
N CYS A 125 5.52 -1.45 20.64
CA CYS A 125 4.90 -1.55 19.32
C CYS A 125 3.57 -0.81 19.39
N ALA A 126 2.74 -0.95 18.36
CA ALA A 126 1.47 -0.26 18.32
C ALA A 126 0.47 -0.71 19.39
N GLN A 127 -0.33 0.23 19.87
CA GLN A 127 -1.36 -0.05 20.86
C GLN A 127 -2.70 0.12 20.17
N PRO A 128 -3.54 -0.93 20.18
CA PRO A 128 -4.87 -0.86 19.53
C PRO A 128 -5.73 0.27 20.09
N SER A 129 -6.33 1.03 19.18
CA SER A 129 -7.21 2.13 19.57
C SER A 129 -8.31 2.14 18.54
N ARG A 130 -9.08 3.22 18.50
CA ARG A 130 -10.16 3.32 17.54
C ARG A 130 -9.58 3.77 16.20
N THR A 131 -8.41 4.40 16.25
CA THR A 131 -7.74 4.88 15.04
C THR A 131 -6.54 4.04 14.62
N ILE A 132 -6.28 2.95 15.34
CA ILE A 132 -5.16 2.09 15.01
C ILE A 132 -5.47 0.62 15.23
N GLN A 133 -5.58 -0.13 14.12
CA GLN A 133 -5.89 -1.55 14.18
C GLN A 133 -5.15 -2.32 13.10
N THR A 134 -5.05 -3.64 13.28
CA THR A 134 -4.40 -4.48 12.29
C THR A 134 -5.40 -4.91 11.22
N ILE A 135 -4.88 -5.30 10.07
CA ILE A 135 -5.71 -5.78 8.98
C ILE A 135 -5.35 -7.25 8.82
N SER A 136 -6.32 -8.09 8.50
CA SER A 136 -6.06 -9.53 8.36
C SER A 136 -5.38 -9.91 7.05
N LEU A 137 -4.47 -10.87 7.13
CA LEU A 137 -3.78 -11.36 5.94
C LEU A 137 -4.67 -12.44 5.32
N PRO A 138 -4.51 -12.68 4.01
CA PRO A 138 -5.33 -13.70 3.33
C PRO A 138 -4.83 -15.10 3.65
N SER A 139 -5.47 -16.10 3.03
CA SER A 139 -5.07 -17.49 3.21
C SER A 139 -4.34 -17.92 1.93
N MET A 140 -3.52 -18.95 2.02
CA MET A 140 -2.79 -19.44 0.86
C MET A 140 -3.67 -19.52 -0.38
N TYR A 141 -3.19 -18.92 -1.47
CA TYR A 141 -3.91 -18.89 -2.74
C TYR A 141 -5.42 -18.91 -2.58
N ASN A 142 -5.95 -17.90 -1.90
CA ASN A 142 -7.39 -17.77 -1.68
C ASN A 142 -7.80 -16.31 -1.81
N ASP A 143 -7.96 -15.85 -3.05
CA ASP A 143 -8.34 -14.47 -3.32
C ASP A 143 -9.80 -14.32 -3.72
N PRO A 144 -10.32 -13.08 -3.69
CA PRO A 144 -11.72 -12.86 -4.06
C PRO A 144 -11.94 -13.19 -5.54
N GLN A 145 -13.20 -13.40 -5.91
CA GLN A 145 -13.55 -13.71 -7.29
C GLN A 145 -13.34 -12.45 -8.14
N PHE A 146 -12.93 -12.63 -9.39
CA PHE A 146 -12.72 -11.48 -10.26
C PHE A 146 -14.07 -10.76 -10.40
N GLY A 147 -14.03 -9.43 -10.46
CA GLY A 147 -15.26 -8.67 -10.57
C GLY A 147 -15.70 -8.17 -9.19
N THR A 148 -15.00 -8.61 -8.15
CA THR A 148 -15.30 -8.22 -6.78
C THR A 148 -14.79 -6.81 -6.47
N SER A 149 -15.59 -6.05 -5.72
CA SER A 149 -15.20 -4.69 -5.34
C SER A 149 -14.27 -4.68 -4.13
N CYS A 150 -13.23 -3.84 -4.20
CA CYS A 150 -12.27 -3.70 -3.10
C CYS A 150 -11.95 -2.21 -2.96
N GLU A 151 -11.35 -1.83 -1.84
CA GLU A 151 -11.01 -0.43 -1.63
C GLU A 151 -9.49 -0.18 -1.53
N ILE A 152 -9.09 1.06 -1.80
CA ILE A 152 -7.69 1.47 -1.70
C ILE A 152 -7.65 2.83 -1.01
N THR A 153 -6.58 3.07 -0.25
CA THR A 153 -6.42 4.31 0.48
C THR A 153 -5.03 4.87 0.22
N GLY A 154 -4.90 6.18 0.25
CA GLY A 154 -3.59 6.78 0.03
C GLY A 154 -3.58 8.29 0.11
N PHE A 155 -2.37 8.84 0.17
CA PHE A 155 -2.18 10.28 0.22
C PHE A 155 -1.64 10.71 -1.14
N GLY A 156 -1.72 9.81 -2.11
CA GLY A 156 -1.22 10.08 -3.45
C GLY A 156 -1.98 11.08 -4.28
N LYS A 157 -1.40 11.45 -5.42
CA LYS A 157 -1.98 12.42 -6.34
C LYS A 157 -3.45 12.25 -6.67
N GLU A 158 -4.10 13.37 -6.91
CA GLU A 158 -5.51 13.42 -7.27
C GLU A 158 -5.63 13.56 -8.76
N ASN A 159 -4.55 14.06 -9.37
CA ASN A 159 -4.47 14.26 -10.81
C ASN A 159 -3.05 13.94 -11.24
N SER A 160 -2.90 13.34 -12.40
CA SER A 160 -1.57 13.00 -12.89
C SER A 160 -0.68 14.23 -13.00
N THR A 161 -1.28 15.37 -13.31
CA THR A 161 -0.54 16.62 -13.47
C THR A 161 -0.15 17.34 -12.18
N ASP A 162 -0.68 16.92 -11.03
CA ASP A 162 -0.31 17.57 -9.77
C ASP A 162 1.16 17.27 -9.43
N TYR A 163 1.79 18.14 -8.63
CA TYR A 163 3.16 17.91 -8.20
C TYR A 163 3.12 17.85 -6.67
N LEU A 164 1.94 18.07 -6.12
CA LEU A 164 1.74 18.04 -4.68
C LEU A 164 0.72 16.96 -4.32
N TYR A 165 0.75 16.52 -3.07
CA TYR A 165 -0.18 15.52 -2.60
C TYR A 165 -1.33 16.13 -1.80
N PRO A 166 -2.51 15.50 -1.83
CA PRO A 166 -3.65 16.05 -1.06
C PRO A 166 -3.27 16.06 0.41
N GLU A 167 -3.78 17.03 1.15
CA GLU A 167 -3.48 17.15 2.57
C GLU A 167 -4.24 16.12 3.42
N GLN A 168 -5.41 15.68 2.92
CA GLN A 168 -6.25 14.72 3.61
C GLN A 168 -6.25 13.33 2.96
N LEU A 169 -6.34 12.30 3.79
CA LEU A 169 -6.37 10.93 3.31
C LEU A 169 -7.57 10.70 2.39
N LYS A 170 -7.42 9.82 1.42
CA LYS A 170 -8.51 9.52 0.48
C LYS A 170 -8.65 8.02 0.26
N MET A 171 -9.79 7.65 -0.33
CA MET A 171 -10.07 6.25 -0.63
C MET A 171 -11.02 6.16 -1.81
N THR A 172 -11.06 4.99 -2.43
CA THR A 172 -11.95 4.74 -3.54
C THR A 172 -12.23 3.24 -3.67
N VAL A 173 -13.09 2.87 -4.61
CA VAL A 173 -13.44 1.49 -4.80
C VAL A 173 -13.19 1.07 -6.24
N VAL A 174 -12.59 -0.10 -6.42
CA VAL A 174 -12.31 -0.60 -7.75
C VAL A 174 -12.64 -2.08 -7.82
N LYS A 175 -12.62 -2.63 -9.02
CA LYS A 175 -12.94 -4.04 -9.18
C LYS A 175 -11.73 -4.82 -9.64
N LEU A 176 -11.67 -6.06 -9.18
CA LEU A 176 -10.58 -6.96 -9.55
C LEU A 176 -10.81 -7.43 -10.98
N ILE A 177 -9.75 -7.39 -11.78
CA ILE A 177 -9.81 -7.84 -13.17
C ILE A 177 -9.11 -9.18 -13.27
N SER A 178 -9.63 -10.08 -14.09
CA SER A 178 -9.04 -11.41 -14.25
C SER A 178 -7.64 -11.30 -14.84
N HIS A 179 -6.81 -12.29 -14.56
CA HIS A 179 -5.45 -12.28 -15.10
C HIS A 179 -5.52 -12.37 -16.62
N ARG A 180 -6.50 -13.09 -17.14
CA ARG A 180 -6.67 -13.24 -18.59
C ARG A 180 -6.92 -11.88 -19.26
N GLU A 181 -7.83 -11.09 -18.70
CA GLU A 181 -8.14 -9.78 -19.25
C GLU A 181 -6.96 -8.81 -19.17
N CYS A 182 -6.27 -8.80 -18.03
CA CYS A 182 -5.15 -7.89 -17.84
C CYS A 182 -3.96 -8.23 -18.73
N GLN A 183 -3.93 -9.47 -19.21
CA GLN A 183 -2.85 -9.94 -20.07
C GLN A 183 -3.13 -9.67 -21.56
N GLN A 184 -4.25 -9.03 -21.86
CA GLN A 184 -4.60 -8.73 -23.24
C GLN A 184 -3.59 -7.73 -23.79
N PRO A 185 -3.36 -7.76 -25.12
CA PRO A 185 -2.41 -6.86 -25.78
C PRO A 185 -2.59 -5.38 -25.46
N HIS A 186 -3.83 -4.90 -25.46
CA HIS A 186 -4.10 -3.50 -25.18
C HIS A 186 -3.97 -3.14 -23.69
N TYR A 187 -3.92 -4.16 -22.85
CA TYR A 187 -3.76 -3.91 -21.42
C TYR A 187 -2.26 -3.92 -21.11
N TYR A 188 -1.77 -4.96 -20.45
CA TYR A 188 -0.35 -5.03 -20.12
C TYR A 188 0.42 -6.19 -20.73
N GLY A 189 -0.27 -7.03 -21.49
CA GLY A 189 0.41 -8.16 -22.11
C GLY A 189 1.07 -9.04 -21.07
N SER A 190 2.26 -9.57 -21.41
CA SER A 190 2.98 -10.47 -20.50
C SER A 190 3.72 -9.78 -19.37
N GLU A 191 3.58 -8.46 -19.26
CA GLU A 191 4.26 -7.72 -18.20
C GLU A 191 3.67 -8.15 -16.85
N VAL A 192 2.38 -8.43 -16.82
CA VAL A 192 1.72 -8.84 -15.58
C VAL A 192 1.78 -10.35 -15.40
N THR A 193 2.18 -10.78 -14.20
CA THR A 193 2.30 -12.20 -13.89
C THR A 193 1.24 -12.62 -12.87
N THR A 194 1.29 -13.88 -12.45
CA THR A 194 0.32 -14.40 -11.49
C THR A 194 0.58 -13.93 -10.06
N LYS A 195 1.74 -13.31 -9.84
CA LYS A 195 2.07 -12.80 -8.52
C LYS A 195 1.51 -11.39 -8.36
N MET A 196 0.84 -10.89 -9.40
CA MET A 196 0.25 -9.56 -9.40
C MET A 196 -1.26 -9.64 -9.61
N LEU A 197 -1.97 -8.59 -9.18
CA LEU A 197 -3.41 -8.50 -9.33
C LEU A 197 -3.75 -7.17 -9.98
N CYS A 198 -4.68 -7.17 -10.93
CA CYS A 198 -5.10 -5.95 -11.59
C CYS A 198 -6.47 -5.53 -11.09
N ALA A 199 -6.65 -4.23 -10.92
CA ALA A 199 -7.92 -3.69 -10.45
C ALA A 199 -8.11 -2.31 -11.04
N ALA A 200 -9.37 -1.98 -11.31
CA ALA A 200 -9.71 -0.68 -11.88
C ALA A 200 -11.20 -0.44 -11.85
N ASP A 201 -11.56 0.81 -12.08
CA ASP A 201 -12.94 1.21 -12.12
C ASP A 201 -13.40 0.86 -13.53
N PRO A 202 -14.55 0.18 -13.65
CA PRO A 202 -15.06 -0.21 -14.97
C PRO A 202 -15.26 0.99 -15.92
N GLN A 203 -15.37 2.19 -15.35
CA GLN A 203 -15.55 3.40 -16.15
C GLN A 203 -14.24 4.16 -16.29
N TRP A 204 -13.18 3.66 -15.66
CA TRP A 204 -11.87 4.27 -15.71
C TRP A 204 -11.84 5.70 -15.19
N LYS A 205 -12.63 5.97 -14.15
CA LYS A 205 -12.71 7.31 -13.57
C LYS A 205 -11.88 7.46 -12.30
N THR A 206 -11.89 6.42 -11.47
CA THR A 206 -11.14 6.46 -10.22
C THR A 206 -10.00 5.44 -10.26
N ASP A 207 -8.93 5.72 -9.53
CA ASP A 207 -7.78 4.82 -9.52
C ASP A 207 -6.72 5.28 -8.52
N SER A 208 -5.74 4.42 -8.25
CA SER A 208 -4.66 4.79 -7.36
C SER A 208 -3.67 5.52 -8.25
N CYS A 209 -2.73 6.24 -7.65
CA CYS A 209 -1.78 7.00 -8.45
C CYS A 209 -0.46 7.16 -7.73
N GLN A 210 0.47 7.88 -8.36
CA GLN A 210 1.78 8.12 -7.77
C GLN A 210 1.62 8.66 -6.35
N GLY A 211 2.26 8.02 -5.37
CA GLY A 211 2.15 8.44 -4.00
C GLY A 211 1.25 7.51 -3.18
N ASP A 212 0.57 6.59 -3.86
CA ASP A 212 -0.31 5.64 -3.17
C ASP A 212 0.41 4.29 -2.98
N SER A 213 1.62 4.17 -3.50
CA SER A 213 2.40 2.93 -3.40
C SER A 213 2.57 2.42 -1.97
N GLY A 214 2.55 1.10 -1.83
CA GLY A 214 2.72 0.50 -0.53
C GLY A 214 1.43 0.46 0.28
N GLY A 215 0.43 1.21 -0.18
CA GLY A 215 -0.86 1.26 0.49
C GLY A 215 -1.64 -0.03 0.29
N PRO A 216 -2.73 -0.23 1.04
CA PRO A 216 -3.56 -1.44 0.94
C PRO A 216 -4.73 -1.53 -0.05
N LEU A 217 -4.87 -2.72 -0.62
CA LEU A 217 -5.98 -3.03 -1.51
C LEU A 217 -6.78 -3.97 -0.61
N VAL A 218 -7.88 -3.47 -0.05
CA VAL A 218 -8.70 -4.26 0.85
C VAL A 218 -9.97 -4.83 0.24
N CYS A 219 -10.21 -6.11 0.49
CA CYS A 219 -11.40 -6.75 -0.04
C CYS A 219 -12.09 -7.51 1.08
N SER A 220 -13.42 -7.49 1.05
CA SER A 220 -14.20 -8.20 2.05
C SER A 220 -14.35 -9.64 1.53
N LEU A 221 -13.64 -10.55 2.18
CA LEU A 221 -13.68 -11.95 1.79
C LEU A 221 -14.35 -12.75 2.90
N GLN A 222 -15.49 -13.37 2.57
CA GLN A 222 -16.24 -14.16 3.53
C GLN A 222 -16.52 -13.34 4.80
N GLY A 223 -17.08 -12.15 4.58
CA GLY A 223 -17.42 -11.27 5.69
C GLY A 223 -16.24 -10.83 6.53
N ARG A 224 -15.10 -10.56 5.90
CA ARG A 224 -13.92 -10.13 6.63
C ARG A 224 -12.96 -9.30 5.77
N MET A 225 -12.53 -8.16 6.29
CA MET A 225 -11.61 -7.27 5.58
C MET A 225 -10.26 -7.96 5.46
N THR A 226 -9.77 -8.08 4.23
CA THR A 226 -8.50 -8.76 4.00
C THR A 226 -7.54 -7.94 3.13
N LEU A 227 -6.27 -7.93 3.51
CA LEU A 227 -5.25 -7.20 2.76
C LEU A 227 -4.92 -8.05 1.53
N THR A 228 -5.69 -7.86 0.46
CA THR A 228 -5.50 -8.62 -0.77
C THR A 228 -4.31 -8.18 -1.62
N GLY A 229 -3.99 -6.89 -1.60
CA GLY A 229 -2.87 -6.42 -2.39
C GLY A 229 -2.20 -5.17 -1.88
N ILE A 230 -1.07 -4.85 -2.49
CA ILE A 230 -0.28 -3.68 -2.16
C ILE A 230 -0.13 -2.85 -3.44
N VAL A 231 -0.41 -1.55 -3.36
CA VAL A 231 -0.29 -0.69 -4.53
C VAL A 231 1.15 -0.71 -5.01
N SER A 232 1.34 -1.09 -6.26
CA SER A 232 2.67 -1.22 -6.83
C SER A 232 2.90 -0.39 -8.10
N TRP A 233 2.19 -0.68 -9.18
CA TRP A 233 2.42 0.07 -10.41
C TRP A 233 1.27 0.20 -11.40
N GLY A 234 1.51 0.96 -12.45
CA GLY A 234 0.51 1.17 -13.48
C GLY A 234 0.96 2.20 -14.49
N ARG A 235 0.42 2.13 -15.70
CA ARG A 235 0.77 3.10 -16.74
C ARG A 235 -0.18 4.29 -16.55
N GLY A 236 0.38 5.45 -16.28
CA GLY A 236 -0.43 6.63 -16.06
C GLY A 236 -1.31 6.42 -14.83
N CYS A 237 -2.40 7.17 -14.74
CA CYS A 237 -3.35 7.07 -13.62
C CYS A 237 -4.78 7.23 -14.13
N ALA A 238 -5.59 6.18 -13.98
CA ALA A 238 -6.97 6.22 -14.44
C ALA A 238 -7.06 6.29 -15.96
N LEU A 239 -6.07 5.71 -16.64
CA LEU A 239 -6.07 5.66 -18.10
C LEU A 239 -6.89 4.44 -18.53
N LYS A 240 -7.61 4.57 -19.64
CA LYS A 240 -8.43 3.48 -20.16
C LYS A 240 -7.59 2.23 -20.49
N ASP A 241 -8.06 1.08 -20.03
CA ASP A 241 -7.39 -0.20 -20.27
C ASP A 241 -5.99 -0.28 -19.66
N LYS A 242 -5.74 0.55 -18.66
CA LYS A 242 -4.45 0.55 -17.98
C LYS A 242 -4.72 0.47 -16.47
N PRO A 243 -5.19 -0.70 -16.00
CA PRO A 243 -5.51 -0.99 -14.60
C PRO A 243 -4.34 -0.81 -13.63
N GLY A 244 -4.66 -0.70 -12.35
CA GLY A 244 -3.63 -0.58 -11.36
C GLY A 244 -3.12 -2.00 -11.10
N VAL A 245 -1.83 -2.16 -10.85
CA VAL A 245 -1.31 -3.49 -10.60
C VAL A 245 -0.91 -3.57 -9.13
N TYR A 246 -1.36 -4.64 -8.47
CA TYR A 246 -1.08 -4.82 -7.06
C TYR A 246 -0.33 -6.10 -6.76
N THR A 247 0.60 -6.03 -5.81
CA THR A 247 1.34 -7.21 -5.41
C THR A 247 0.32 -8.13 -4.75
N ARG A 248 0.26 -9.38 -5.21
CA ARG A 248 -0.68 -10.37 -4.72
C ARG A 248 -0.21 -10.95 -3.39
N VAL A 249 -0.69 -10.37 -2.31
CA VAL A 249 -0.30 -10.78 -0.96
C VAL A 249 -0.35 -12.27 -0.68
N SER A 250 -1.40 -12.94 -1.14
CA SER A 250 -1.57 -14.38 -0.92
C SER A 250 -0.42 -15.25 -1.43
N HIS A 251 0.37 -14.75 -2.37
CA HIS A 251 1.48 -15.53 -2.88
C HIS A 251 2.77 -15.27 -2.12
N PHE A 252 2.72 -14.39 -1.13
CA PHE A 252 3.92 -14.09 -0.38
C PHE A 252 3.87 -14.47 1.10
N LEU A 253 2.81 -15.17 1.49
CA LEU A 253 2.66 -15.58 2.88
C LEU A 253 3.92 -16.27 3.43
N PRO A 254 4.49 -17.21 2.67
CA PRO A 254 5.70 -17.89 3.16
C PRO A 254 6.80 -16.88 3.47
N TRP A 255 6.99 -15.94 2.55
CA TRP A 255 8.00 -14.91 2.71
C TRP A 255 7.72 -14.02 3.92
N ILE A 256 6.45 -13.67 4.10
CA ILE A 256 6.03 -12.83 5.21
C ILE A 256 6.31 -13.47 6.57
N ARG A 257 5.88 -14.72 6.75
CA ARG A 257 6.08 -15.43 8.00
C ARG A 257 7.55 -15.67 8.39
N SER A 258 8.37 -16.07 7.43
CA SER A 258 9.78 -16.35 7.72
C SER A 258 10.58 -15.13 8.16
N HIS A 259 10.11 -13.94 7.79
CA HIS A 259 10.80 -12.71 8.14
C HIS A 259 10.25 -12.02 9.38
N THR A 260 9.04 -12.41 9.80
CA THR A 260 8.44 -11.79 10.97
C THR A 260 8.57 -12.61 12.25
N LYS A 261 9.24 -13.75 12.18
CA LYS A 261 9.40 -14.60 13.36
C LYS A 261 10.41 -14.10 14.37
N GLU A 262 11.69 -14.15 14.03
CA GLU A 262 12.73 -13.71 14.94
C GLU A 262 14.08 -13.58 14.22
S SO4 B . 7.35 -12.46 -11.20
O1 SO4 B . 7.91 -12.34 -12.55
O2 SO4 B . 8.43 -12.76 -10.24
O3 SO4 B . 6.70 -11.18 -10.84
O4 SO4 B . 6.34 -13.54 -11.17
S SO4 C . 5.54 6.36 -6.01
O1 SO4 C . 6.13 5.03 -6.27
O2 SO4 C . 6.17 6.96 -4.82
O3 SO4 C . 5.78 7.23 -7.17
O4 SO4 C . 4.09 6.21 -5.79
N4 2IN D . -3.27 2.38 -10.63
N5 2IN D . -2.61 3.54 -12.38
C18 2IN D . -2.28 3.11 -11.16
C14 2IN D . -1.06 3.41 -10.53
C13 2IN D . -0.09 4.38 -11.07
C12 2IN D . 1.12 4.71 -10.35
C17 2IN D . 1.41 4.00 -9.12
C16 2IN D . 0.49 3.03 -8.55
C15 2IN D . -0.71 2.75 -9.27
C11 2IN D . 2.64 4.15 -8.28
N3 2IN D . 3.82 3.51 -8.67
C10 2IN D . 4.71 4.06 -9.56
O5 2IN D . 4.68 5.17 -10.07
C8 2IN D . 5.87 3.15 -9.93
N2 2IN D . 6.01 3.24 -11.37
C7 2IN D . 5.17 2.84 -12.39
O4 2IN D . 4.14 2.24 -12.25
C5 2IN D . 5.63 3.21 -13.79
C6 2IN D . 6.18 2.01 -14.60
O3 2IN D . 7.02 1.04 -14.04
N1 2IN D . 4.60 3.62 -14.71
S1 2IN D . 4.30 5.23 -14.75
O2 2IN D . 5.48 5.99 -14.99
O1 2IN D . 3.26 5.25 -15.77
C1 2IN D . 3.48 5.91 -13.30
C4 2IN D . 3.21 7.35 -13.10
C3 2IN D . 4.31 8.23 -12.69
C2 2IN D . 4.08 9.67 -12.51
C21 2IN D . 2.73 10.23 -12.70
C20 2IN D . 1.63 9.35 -13.12
C19 2IN D . 1.87 7.91 -13.30
#